data_7G8J
#
_entry.id   7G8J
#
_cell.length_a   70.955
_cell.length_b   70.955
_cell.length_c   196.386
_cell.angle_alpha   90.000
_cell.angle_beta   90.000
_cell.angle_gamma   90.000
#
_symmetry.space_group_name_H-M   'P 43 21 2'
#
loop_
_entity.id
_entity.type
_entity.pdbx_description
1 polymer 'Transforming protein RhoA'
2 polymer 'Rho guanine nucleotide exchange factor 2'
3 non-polymer 5-(difluoromethoxy)pyridin-2(3H)-one
4 non-polymer 'DIMETHYL SULFOXIDE'
5 non-polymer 'FORMIC ACID'
6 water water
#
loop_
_entity_poly.entity_id
_entity_poly.type
_entity_poly.pdbx_seq_one_letter_code
_entity_poly.pdbx_strand_id
1 'polypeptide(L)'
;SMAAIRKKLVIVGDGACGKTCLLIVFSKDQFPEVYVPTVFENYVADIEVDGKQVELALWDTAGQEDYDRLRPLSYPDTDV
ILMCFSIDSPDSLENIPEKWTPEVKHFCPNVPIILVGNKKDLRNDEHTRRELAKMKQEPVKPEEGRDMANRIGAFGYMEC
SAKTKDGVREVFEMATRAALQARRG
;
A
2 'polypeptide(L)'
;SMEMDEKDFAADSWSLAVDSSFLQQHKKEVMKQQDVIYELIQTELHHVRTLKIMTRLFRTGMLEELHLEPGVVQGLFPCV
DELSDIHTRFLSQLLERRRQALCPGSTRNFVIHRLGDLLISQFSGPSAEQMCKTYSEFCSRHSKALKLYKELYARDKRFQ
QFIRKVTRPAVLKRHGVQECILLVTQRITKYPLLISRILQHSHGIEEERQDLTTALGLVKELLSNVDEGIYQLEKGARLQ
EIYNR
;
B
#
# COMPACT_ATOMS: atom_id res chain seq x y z
N ALA A 4 10.47 21.69 7.58
CA ALA A 4 10.71 20.26 7.84
C ALA A 4 11.39 19.57 6.65
N ILE A 5 12.26 18.61 6.94
CA ILE A 5 12.92 17.84 5.88
C ILE A 5 12.11 16.58 5.60
N ARG A 6 12.12 16.11 4.35
CA ARG A 6 11.37 14.91 3.98
C ARG A 6 12.21 13.63 4.05
N LYS A 7 11.76 12.64 4.81
CA LYS A 7 12.46 11.36 4.91
C LYS A 7 11.49 10.22 4.56
N LYS A 8 11.99 9.12 3.99
CA LYS A 8 11.16 8.00 3.58
C LYS A 8 11.50 6.74 4.37
N LEU A 9 10.48 6.07 4.89
CA LEU A 9 10.66 4.84 5.64
C LEU A 9 9.90 3.70 4.96
N VAL A 10 10.51 2.53 4.87
CA VAL A 10 9.86 1.35 4.31
C VAL A 10 10.01 0.21 5.31
N ILE A 11 8.93 -0.49 5.59
CA ILE A 11 8.99 -1.66 6.46
CA ILE A 11 8.97 -1.66 6.47
C ILE A 11 8.94 -2.93 5.61
N VAL A 12 9.78 -3.89 5.96
CA VAL A 12 9.89 -5.19 5.28
CA VAL A 12 9.97 -5.17 5.29
C VAL A 12 9.78 -6.31 6.33
N GLY A 13 9.65 -7.56 5.88
CA GLY A 13 9.49 -8.72 6.74
C GLY A 13 8.37 -9.64 6.24
N ASP A 14 8.32 -10.89 6.74
CA ASP A 14 7.31 -11.86 6.30
C ASP A 14 5.88 -11.41 6.62
N GLY A 15 4.90 -11.98 5.91
CA GLY A 15 3.49 -11.64 6.10
C GLY A 15 2.99 -11.68 7.53
N ALA A 16 3.51 -12.62 8.32
CA ALA A 16 3.09 -12.76 9.72
C ALA A 16 3.86 -11.88 10.72
N CYS A 17 4.78 -11.02 10.23
CA CYS A 17 5.64 -10.21 11.08
C CYS A 17 4.94 -9.02 11.78
N GLY A 18 3.73 -8.67 11.30
CA GLY A 18 2.92 -7.59 11.87
C GLY A 18 3.28 -6.18 11.41
N LYS A 19 3.87 -6.05 10.22
CA LYS A 19 4.28 -4.75 9.71
CA LYS A 19 4.27 -4.75 9.71
C LYS A 19 3.14 -3.77 9.51
N THR A 20 1.99 -4.24 8.90
CA THR A 20 0.80 -3.46 8.62
C THR A 20 0.20 -2.94 9.93
N CYS A 21 -0.05 -3.83 10.92
CA CYS A 21 -0.59 -3.39 12.21
CA CYS A 21 -0.62 -3.36 12.20
C CYS A 21 0.22 -2.28 12.87
N LEU A 22 1.60 -2.41 12.84
CA LEU A 22 2.53 -1.43 13.41
C LEU A 22 2.39 -0.05 12.72
N LEU A 23 2.43 -0.02 11.38
CA LEU A 23 2.19 1.22 10.64
C LEU A 23 0.80 1.87 10.96
N ILE A 24 -0.26 1.06 11.06
CA ILE A 24 -1.62 1.54 11.35
C ILE A 24 -1.69 2.17 12.77
N VAL A 25 -1.18 1.44 13.79
CA VAL A 25 -1.20 1.90 15.18
C VAL A 25 -0.39 3.19 15.36
N PHE A 26 0.76 3.34 14.67
CA PHE A 26 1.54 4.56 14.78
C PHE A 26 0.85 5.73 14.07
N SER A 27 0.35 5.52 12.84
CA SER A 27 -0.31 6.59 12.08
C SER A 27 -1.58 7.11 12.77
N LYS A 28 -2.29 6.25 13.50
CA LYS A 28 -3.50 6.67 14.22
C LYS A 28 -3.26 7.00 15.70
N ASP A 29 -2.10 6.57 16.28
CA ASP A 29 -1.74 6.64 17.73
C ASP A 29 -2.78 5.77 18.48
N GLN A 30 -3.13 4.59 17.94
CA GLN A 30 -4.19 3.78 18.52
C GLN A 30 -4.24 2.38 17.92
N PHE A 31 -4.60 1.35 18.72
CA PHE A 31 -4.89 0.02 18.21
C PHE A 31 -6.43 0.09 18.02
N PRO A 32 -6.91 0.19 16.76
CA PRO A 32 -8.36 0.38 16.52
C PRO A 32 -9.32 -0.49 17.31
N GLU A 33 -10.23 0.16 18.02
CA GLU A 33 -11.18 -0.51 18.87
C GLU A 33 -12.29 -1.18 18.10
N VAL A 34 -12.71 -0.60 16.97
CA VAL A 34 -13.84 -1.14 16.21
C VAL A 34 -13.43 -2.05 15.03
N TYR A 35 -12.45 -1.63 14.21
CA TYR A 35 -12.04 -2.42 13.05
C TYR A 35 -10.56 -2.27 12.76
N VAL A 36 -9.82 -3.38 12.57
CA VAL A 36 -8.41 -3.28 12.23
C VAL A 36 -8.32 -3.38 10.69
N PRO A 37 -7.88 -2.30 10.03
CA PRO A 37 -7.74 -2.35 8.56
C PRO A 37 -6.90 -3.51 8.04
N THR A 38 -7.26 -4.05 6.89
CA THR A 38 -6.52 -5.11 6.22
C THR A 38 -5.25 -4.54 5.58
N VAL A 39 -5.35 -3.35 5.01
CA VAL A 39 -4.23 -2.74 4.32
C VAL A 39 -3.91 -1.31 4.83
N PHE A 40 -2.70 -0.84 4.47
CA PHE A 40 -2.14 0.48 4.75
C PHE A 40 -1.78 1.08 3.39
N GLU A 41 -2.27 2.30 3.10
CA GLU A 41 -2.00 2.95 1.83
C GLU A 41 -0.63 3.62 1.92
N ASN A 42 -0.57 4.80 2.57
CA ASN A 42 0.68 5.51 2.90
C ASN A 42 0.30 6.54 3.99
N TYR A 43 1.29 7.24 4.52
CA TYR A 43 1.07 8.23 5.57
C TYR A 43 2.28 9.14 5.63
N VAL A 44 2.10 10.40 6.01
CA VAL A 44 3.22 11.31 6.19
C VAL A 44 3.11 11.82 7.62
N ALA A 45 4.00 11.32 8.49
CA ALA A 45 3.99 11.61 9.92
C ALA A 45 4.73 12.89 10.25
N ASP A 46 4.18 13.70 11.16
CA ASP A 46 4.86 14.91 11.61
C ASP A 46 5.60 14.49 12.87
N ILE A 47 6.93 14.46 12.82
CA ILE A 47 7.76 14.00 13.93
CA ILE A 47 7.70 14.04 13.97
C ILE A 47 8.81 15.03 14.32
N GLU A 48 8.97 15.28 15.62
CA GLU A 48 10.02 16.15 16.08
C GLU A 48 10.91 15.31 16.98
N VAL A 49 12.12 14.99 16.53
CA VAL A 49 13.03 14.18 17.34
C VAL A 49 14.33 14.93 17.64
N ASP A 50 14.69 15.04 18.94
CA ASP A 50 15.87 15.75 19.41
C ASP A 50 15.95 17.19 18.89
N GLY A 51 14.79 17.83 18.74
CA GLY A 51 14.70 19.20 18.28
C GLY A 51 14.68 19.38 16.77
N LYS A 52 14.67 18.27 16.00
CA LYS A 52 14.62 18.38 14.54
C LYS A 52 13.23 18.01 14.05
N GLN A 53 12.61 18.87 13.21
CA GLN A 53 11.29 18.59 12.67
CA GLN A 53 11.28 18.62 12.66
C GLN A 53 11.41 17.86 11.33
N VAL A 54 10.78 16.67 11.23
CA VAL A 54 10.82 15.84 10.04
C VAL A 54 9.40 15.42 9.58
N GLU A 55 9.23 15.30 8.25
CA GLU A 55 8.05 14.76 7.62
C GLU A 55 8.45 13.32 7.26
N LEU A 56 8.00 12.30 8.01
CA LEU A 56 8.38 10.91 7.72
C LEU A 56 7.28 10.16 6.91
N ALA A 57 7.57 9.88 5.62
CA ALA A 57 6.62 9.18 4.77
C ALA A 57 6.73 7.70 5.04
N LEU A 58 5.63 7.04 5.39
CA LEU A 58 5.62 5.61 5.72
C LEU A 58 5.10 4.76 4.56
N TRP A 59 5.74 3.65 4.32
CA TRP A 59 5.36 2.74 3.25
C TRP A 59 5.43 1.30 3.72
N ASP A 60 4.52 0.48 3.25
CA ASP A 60 4.45 -0.95 3.59
C ASP A 60 4.78 -1.78 2.34
N THR A 61 5.29 -2.99 2.54
CA THR A 61 5.56 -3.94 1.44
C THR A 61 4.60 -5.14 1.48
N ALA A 62 3.65 -5.18 2.42
CA ALA A 62 2.66 -6.27 2.50
C ALA A 62 1.94 -6.47 1.16
N GLY A 63 1.81 -7.72 0.75
CA GLY A 63 1.19 -8.05 -0.53
C GLY A 63 2.22 -8.29 -1.61
N GLN A 64 3.41 -7.69 -1.46
CA GLN A 64 4.49 -7.81 -2.45
C GLN A 64 5.46 -8.97 -2.22
N GLU A 65 5.30 -9.73 -1.12
CA GLU A 65 6.22 -10.81 -0.74
C GLU A 65 6.48 -11.85 -1.84
N ASP A 66 5.48 -12.20 -2.67
CA ASP A 66 5.70 -13.20 -3.71
C ASP A 66 6.08 -12.61 -5.10
N TYR A 67 6.13 -11.27 -5.21
CA TYR A 67 6.40 -10.62 -6.50
C TYR A 67 7.73 -9.92 -6.48
N ASP A 68 8.75 -10.63 -6.95
CA ASP A 68 10.14 -10.20 -6.90
C ASP A 68 10.48 -8.98 -7.78
N ARG A 69 9.67 -8.70 -8.80
CA ARG A 69 9.91 -7.55 -9.68
C ARG A 69 9.00 -6.34 -9.36
N LEU A 70 7.90 -6.55 -8.60
CA LEU A 70 7.04 -5.44 -8.19
C LEU A 70 7.61 -4.85 -6.91
N ARG A 71 7.97 -5.70 -5.94
CA ARG A 71 8.50 -5.33 -4.62
C ARG A 71 9.62 -4.25 -4.60
N PRO A 72 10.71 -4.36 -5.39
CA PRO A 72 11.77 -3.35 -5.30
C PRO A 72 11.38 -1.93 -5.71
N LEU A 73 10.23 -1.77 -6.39
CA LEU A 73 9.71 -0.47 -6.78
C LEU A 73 9.26 0.37 -5.55
N SER A 74 9.14 -0.25 -4.36
CA SER A 74 8.86 0.44 -3.10
C SER A 74 10.17 1.04 -2.49
N TYR A 75 11.37 0.52 -2.87
CA TYR A 75 12.67 0.91 -2.28
C TYR A 75 13.30 2.26 -2.71
N PRO A 76 13.13 2.77 -3.95
CA PRO A 76 13.81 4.02 -4.35
C PRO A 76 13.78 5.17 -3.35
N ASP A 77 14.96 5.74 -3.04
CA ASP A 77 15.16 6.87 -2.17
C ASP A 77 14.71 6.67 -0.73
N THR A 78 14.67 5.40 -0.26
CA THR A 78 14.37 5.10 1.13
C THR A 78 15.54 5.65 2.00
N ASP A 79 15.21 6.22 3.16
CA ASP A 79 16.15 6.78 4.10
C ASP A 79 16.34 5.90 5.33
N VAL A 80 15.33 5.10 5.69
CA VAL A 80 15.45 4.18 6.80
C VAL A 80 14.60 2.93 6.55
N ILE A 81 15.15 1.75 6.87
CA ILE A 81 14.45 0.49 6.68
C ILE A 81 14.08 -0.10 8.03
N LEU A 82 12.80 -0.46 8.24
CA LEU A 82 12.42 -1.20 9.42
C LEU A 82 12.30 -2.64 8.95
N MET A 83 13.07 -3.53 9.54
CA MET A 83 13.05 -4.94 9.18
CA MET A 83 13.07 -4.94 9.19
C MET A 83 12.39 -5.67 10.33
N CYS A 84 11.17 -6.10 10.10
CA CYS A 84 10.30 -6.69 11.08
CA CYS A 84 10.30 -6.71 11.09
C CYS A 84 10.29 -8.22 11.09
N PHE A 85 10.11 -8.77 12.27
CA PHE A 85 9.95 -10.17 12.53
C PHE A 85 8.99 -10.25 13.72
N SER A 86 8.44 -11.43 13.94
CA SER A 86 7.48 -11.60 15.01
C SER A 86 8.04 -12.46 16.07
N ILE A 87 7.94 -12.01 17.33
CA ILE A 87 8.46 -12.69 18.48
C ILE A 87 7.74 -14.03 18.75
N ASP A 88 6.48 -14.18 18.33
CA ASP A 88 5.80 -15.48 18.44
C ASP A 88 6.11 -16.40 17.24
N SER A 89 7.01 -15.98 16.33
CA SER A 89 7.35 -16.73 15.14
C SER A 89 8.87 -16.83 14.91
N PRO A 90 9.55 -17.81 15.53
CA PRO A 90 10.99 -17.97 15.29
C PRO A 90 11.36 -18.19 13.82
N ASP A 91 10.41 -18.68 13.00
CA ASP A 91 10.65 -18.90 11.57
C ASP A 91 10.76 -17.57 10.81
N SER A 92 10.02 -16.53 11.26
CA SER A 92 10.13 -15.21 10.63
C SER A 92 11.54 -14.60 10.89
N LEU A 93 12.19 -14.94 12.02
CA LEU A 93 13.50 -14.43 12.36
C LEU A 93 14.59 -15.10 11.51
N GLU A 94 14.52 -16.43 11.36
CA GLU A 94 15.43 -17.21 10.52
C GLU A 94 15.44 -16.69 9.04
N ASN A 95 14.32 -16.13 8.55
CA ASN A 95 14.26 -15.59 7.19
C ASN A 95 14.94 -14.21 7.01
N ILE A 96 15.20 -13.50 8.11
CA ILE A 96 15.82 -12.19 8.08
C ILE A 96 17.23 -12.16 7.43
N PRO A 97 18.19 -13.07 7.79
CA PRO A 97 19.55 -12.93 7.25
C PRO A 97 19.81 -13.29 5.79
N GLU A 98 19.24 -14.39 5.24
CA GLU A 98 19.59 -14.76 3.86
C GLU A 98 18.46 -14.51 2.82
N LYS A 99 17.35 -13.89 3.24
CA LYS A 99 16.31 -13.52 2.31
C LYS A 99 16.12 -12.01 2.27
N TRP A 100 15.63 -11.41 3.37
CA TRP A 100 15.37 -9.97 3.39
C TRP A 100 16.63 -9.09 3.43
N THR A 101 17.68 -9.49 4.19
CA THR A 101 18.90 -8.68 4.29
C THR A 101 19.65 -8.53 2.96
N PRO A 102 19.95 -9.61 2.21
CA PRO A 102 20.64 -9.42 0.91
C PRO A 102 19.89 -8.50 -0.06
N GLU A 103 18.54 -8.60 -0.09
CA GLU A 103 17.70 -7.77 -0.96
C GLU A 103 17.77 -6.30 -0.55
N VAL A 104 17.58 -6.00 0.75
CA VAL A 104 17.59 -4.64 1.24
C VAL A 104 18.94 -3.96 1.05
N LYS A 105 20.05 -4.70 1.25
CA LYS A 105 21.38 -4.14 1.07
C LYS A 105 21.69 -3.82 -0.38
N HIS A 106 21.12 -4.59 -1.33
CA HIS A 106 21.34 -4.42 -2.77
C HIS A 106 20.57 -3.20 -3.34
N PHE A 107 19.28 -3.10 -3.01
CA PHE A 107 18.46 -1.98 -3.50
C PHE A 107 18.58 -0.70 -2.63
N CYS A 108 19.06 -0.85 -1.39
CA CYS A 108 19.22 0.28 -0.48
C CYS A 108 20.62 0.26 0.14
N PRO A 109 21.66 0.45 -0.68
CA PRO A 109 23.03 0.43 -0.12
C PRO A 109 23.27 1.60 0.81
N ASN A 110 23.92 1.34 1.95
CA ASN A 110 24.19 2.38 2.93
C ASN A 110 22.95 2.97 3.59
N VAL A 111 21.81 2.24 3.59
CA VAL A 111 20.62 2.72 4.26
C VAL A 111 20.55 2.03 5.63
N PRO A 112 20.44 2.81 6.73
CA PRO A 112 20.34 2.19 8.07
C PRO A 112 19.18 1.20 8.20
N ILE A 113 19.44 0.01 8.72
CA ILE A 113 18.38 -0.99 8.94
C ILE A 113 18.13 -1.10 10.43
N ILE A 114 16.89 -1.02 10.89
CA ILE A 114 16.58 -1.25 12.30
C ILE A 114 15.86 -2.58 12.36
N LEU A 115 16.40 -3.55 13.10
CA LEU A 115 15.71 -4.83 13.23
C LEU A 115 14.70 -4.66 14.38
N VAL A 116 13.39 -4.88 14.09
CA VAL A 116 12.31 -4.71 15.05
C VAL A 116 11.59 -6.01 15.37
N GLY A 117 11.62 -6.41 16.63
CA GLY A 117 10.92 -7.58 17.09
C GLY A 117 9.51 -7.16 17.49
N ASN A 118 8.51 -7.60 16.73
CA ASN A 118 7.12 -7.25 16.96
C ASN A 118 6.38 -8.27 17.82
N LYS A 119 5.17 -7.90 18.32
CA LYS A 119 4.33 -8.75 19.15
C LYS A 119 5.03 -9.16 20.45
N LYS A 120 5.84 -8.27 21.05
CA LYS A 120 6.62 -8.59 22.27
C LYS A 120 5.76 -9.03 23.47
N ASP A 121 4.45 -8.74 23.43
CA ASP A 121 3.47 -9.14 24.44
C ASP A 121 3.17 -10.65 24.38
N LEU A 122 3.44 -11.30 23.24
CA LEU A 122 3.21 -12.74 23.11
C LEU A 122 4.33 -13.61 23.73
N ARG A 123 5.44 -12.99 24.19
CA ARG A 123 6.56 -13.67 24.85
C ARG A 123 6.11 -14.27 26.22
N ASN A 124 5.11 -13.66 26.86
CA ASN A 124 4.54 -14.10 28.13
C ASN A 124 3.10 -14.66 27.98
N ASP A 125 2.67 -14.99 26.75
CA ASP A 125 1.34 -15.51 26.48
C ASP A 125 1.34 -17.04 26.54
N GLU A 126 0.42 -17.63 27.33
CA GLU A 126 0.39 -19.08 27.51
C GLU A 126 -0.03 -19.85 26.28
N HIS A 127 -1.00 -19.34 25.52
CA HIS A 127 -1.45 -20.02 24.30
C HIS A 127 -0.32 -20.07 23.28
N THR A 128 0.43 -18.97 23.14
CA THR A 128 1.58 -18.87 22.24
C THR A 128 2.65 -19.89 22.62
N ARG A 129 2.95 -20.01 23.93
CA ARG A 129 3.95 -20.95 24.40
C ARG A 129 3.52 -22.40 24.19
N ARG A 130 2.21 -22.69 24.34
CA ARG A 130 1.70 -24.04 24.12
C ARG A 130 1.80 -24.44 22.65
N GLU A 131 1.41 -23.54 21.74
CA GLU A 131 1.47 -23.84 20.30
C GLU A 131 2.89 -24.06 19.79
N LEU A 132 3.84 -23.18 20.16
CA LEU A 132 5.22 -23.29 19.71
C LEU A 132 5.92 -24.54 20.21
N ALA A 133 5.64 -24.95 21.47
CA ALA A 133 6.20 -26.17 22.06
C ALA A 133 5.88 -27.44 21.29
N LYS A 134 4.81 -27.43 20.49
CA LYS A 134 4.42 -28.58 19.67
C LYS A 134 5.38 -28.81 18.48
N MET A 135 6.09 -27.76 18.03
CA MET A 135 7.07 -27.87 16.94
C MET A 135 8.51 -27.66 17.43
N LYS A 136 8.79 -28.03 18.70
CA LYS A 136 10.10 -27.90 19.34
C LYS A 136 10.59 -26.46 19.26
N GLN A 137 9.69 -25.50 19.55
CA GLN A 137 10.02 -24.07 19.47
C GLN A 137 9.58 -23.29 20.70
N GLU A 138 10.08 -22.05 20.83
CA GLU A 138 9.73 -21.14 21.92
C GLU A 138 9.79 -19.69 21.43
N PRO A 139 9.13 -18.72 22.10
CA PRO A 139 9.19 -17.33 21.63
C PRO A 139 10.61 -16.80 21.49
N VAL A 140 10.87 -15.92 20.51
CA VAL A 140 12.20 -15.35 20.31
C VAL A 140 12.67 -14.65 21.57
N LYS A 141 13.88 -15.01 22.02
CA LYS A 141 14.45 -14.44 23.23
C LYS A 141 15.08 -13.06 22.93
N PRO A 142 15.07 -12.16 23.93
CA PRO A 142 15.69 -10.84 23.73
C PRO A 142 17.10 -10.85 23.11
N GLU A 143 18.00 -11.74 23.62
CA GLU A 143 19.38 -11.90 23.13
C GLU A 143 19.47 -12.41 21.70
N GLU A 144 18.50 -13.24 21.26
CA GLU A 144 18.44 -13.78 19.90
C GLU A 144 18.13 -12.71 18.85
N GLY A 145 17.33 -11.73 19.24
CA GLY A 145 17.04 -10.61 18.35
C GLY A 145 18.24 -9.69 18.22
N ARG A 146 18.89 -9.36 19.35
CA ARG A 146 20.09 -8.53 19.39
C ARG A 146 21.20 -9.16 18.55
N ASP A 147 21.36 -10.50 18.69
CA ASP A 147 22.40 -11.22 17.97
C ASP A 147 22.23 -11.19 16.48
N MET A 148 20.99 -11.38 16.00
CA MET A 148 20.65 -11.35 14.58
C MET A 148 20.86 -9.91 14.07
N ALA A 149 20.41 -8.91 14.85
CA ALA A 149 20.60 -7.51 14.44
C ALA A 149 22.10 -7.18 14.27
N ASN A 150 22.93 -7.64 15.23
CA ASN A 150 24.36 -7.50 15.25
C ASN A 150 24.97 -8.21 14.01
N ARG A 151 24.60 -9.47 13.80
CA ARG A 151 25.07 -10.27 12.69
C ARG A 151 24.77 -9.64 11.28
N ILE A 152 23.54 -9.15 11.04
CA ILE A 152 23.19 -8.59 9.73
C ILE A 152 23.68 -7.14 9.50
N GLY A 153 24.35 -6.54 10.48
CA GLY A 153 24.86 -5.19 10.35
C GLY A 153 23.81 -4.12 10.58
N ALA A 154 22.75 -4.44 11.35
CA ALA A 154 21.69 -3.48 11.63
C ALA A 154 22.21 -2.32 12.46
N PHE A 155 21.67 -1.11 12.23
CA PHE A 155 21.94 0.14 12.95
C PHE A 155 21.61 -0.06 14.44
N GLY A 156 20.56 -0.82 14.75
CA GLY A 156 20.16 -1.14 16.10
C GLY A 156 19.03 -2.16 16.18
N TYR A 157 18.70 -2.62 17.38
CA TYR A 157 17.65 -3.60 17.61
C TYR A 157 16.64 -3.03 18.59
N MET A 158 15.35 -3.11 18.25
CA MET A 158 14.26 -2.63 19.12
C MET A 158 13.14 -3.63 19.18
N GLU A 159 12.34 -3.59 20.26
CA GLU A 159 11.14 -4.41 20.38
C GLU A 159 9.90 -3.50 20.60
N CYS A 160 8.71 -4.00 20.24
CA CYS A 160 7.42 -3.29 20.44
C CYS A 160 6.24 -4.24 20.38
N SER A 161 5.06 -3.74 20.80
CA SER A 161 3.77 -4.43 20.71
C SER A 161 2.77 -3.49 20.05
N ALA A 162 2.31 -3.81 18.83
CA ALA A 162 1.28 -3.01 18.16
C ALA A 162 -0.04 -3.03 18.99
N LYS A 163 -0.33 -4.18 19.62
CA LYS A 163 -1.48 -4.34 20.49
C LYS A 163 -1.54 -3.34 21.65
N THR A 164 -0.51 -3.27 22.48
CA THR A 164 -0.51 -2.36 23.64
C THR A 164 0.05 -0.97 23.35
N LYS A 165 0.65 -0.76 22.15
CA LYS A 165 1.34 0.48 21.73
C LYS A 165 2.74 0.62 22.38
N ASP A 166 3.11 -0.25 23.36
CA ASP A 166 4.40 -0.12 24.04
C ASP A 166 5.60 -0.26 23.10
N GLY A 167 6.46 0.75 23.13
CA GLY A 167 7.67 0.76 22.30
C GLY A 167 7.51 1.25 20.88
N VAL A 168 6.26 1.48 20.44
CA VAL A 168 5.92 1.92 19.10
C VAL A 168 6.45 3.31 18.79
N ARG A 169 6.12 4.33 19.60
CA ARG A 169 6.62 5.68 19.36
C ARG A 169 8.17 5.73 19.29
N GLU A 170 8.84 4.98 20.20
CA GLU A 170 10.29 4.94 20.27
C GLU A 170 10.89 4.42 18.95
N VAL A 171 10.32 3.36 18.37
CA VAL A 171 10.81 2.80 17.12
C VAL A 171 10.84 3.86 15.99
N PHE A 172 9.74 4.63 15.86
CA PHE A 172 9.57 5.62 14.79
C PHE A 172 10.43 6.85 15.03
N GLU A 173 10.57 7.27 16.29
CA GLU A 173 11.46 8.38 16.61
C GLU A 173 12.91 7.99 16.32
N MET A 174 13.29 6.73 16.60
CA MET A 174 14.65 6.26 16.33
C MET A 174 14.90 6.11 14.83
N ALA A 175 13.86 5.68 14.09
CA ALA A 175 13.97 5.58 12.63
C ALA A 175 14.21 7.00 12.04
N THR A 176 13.57 8.02 12.63
CA THR A 176 13.73 9.42 12.21
C THR A 176 15.17 9.83 12.40
N ARG A 177 15.73 9.53 13.59
CA ARG A 177 17.13 9.79 13.90
C ARG A 177 18.06 9.05 12.92
N ALA A 178 17.83 7.75 12.67
CA ALA A 178 18.62 6.98 11.71
C ALA A 178 18.59 7.59 10.31
N ALA A 179 17.40 8.03 9.84
CA ALA A 179 17.20 8.68 8.55
C ALA A 179 17.93 10.02 8.46
N LEU A 180 18.09 10.73 9.59
CA LEU A 180 18.80 12.01 9.63
C LEU A 180 20.34 11.88 9.54
N GLN A 181 20.92 10.73 9.95
CA GLN A 181 22.38 10.54 9.93
C GLN A 181 22.97 10.38 8.52
N ALA A 182 24.28 10.65 8.37
CA ALA A 182 24.94 10.52 7.06
C ALA A 182 26.05 9.45 7.08
N SER B 1 -12.59 12.86 -5.73
CA SER B 1 -13.84 12.24 -5.31
CA SER B 1 -13.84 12.23 -5.35
C SER B 1 -15.01 13.23 -5.23
N MET B 2 -16.26 12.72 -5.30
CA MET B 2 -17.45 13.53 -5.20
C MET B 2 -18.02 13.41 -3.80
N GLU B 3 -18.51 14.54 -3.25
CA GLU B 3 -19.02 14.64 -1.88
C GLU B 3 -19.92 13.49 -1.46
N MET B 4 -20.83 13.07 -2.37
CA MET B 4 -21.76 11.97 -2.15
CA MET B 4 -21.77 11.97 -2.15
C MET B 4 -21.03 10.71 -1.68
N ASP B 5 -20.05 10.24 -2.47
CA ASP B 5 -19.26 9.05 -2.21
C ASP B 5 -18.31 9.26 -1.02
N GLU B 6 -17.76 10.49 -0.84
CA GLU B 6 -16.88 10.74 0.31
C GLU B 6 -17.64 10.58 1.61
N LYS B 7 -18.89 11.08 1.69
CA LYS B 7 -19.66 11.00 2.92
C LYS B 7 -20.08 9.55 3.18
N ASP B 8 -20.44 8.82 2.12
CA ASP B 8 -20.82 7.41 2.23
C ASP B 8 -19.67 6.55 2.77
N PHE B 9 -18.42 6.96 2.52
CA PHE B 9 -17.24 6.24 2.97
C PHE B 9 -16.36 7.05 3.93
N ALA B 10 -16.97 7.93 4.71
CA ALA B 10 -16.26 8.76 5.67
C ALA B 10 -15.94 7.98 6.92
N ALA B 11 -16.83 7.08 7.35
CA ALA B 11 -16.62 6.27 8.55
C ALA B 11 -15.38 5.33 8.45
N ASP B 12 -14.84 4.93 9.60
CA ASP B 12 -13.67 4.01 9.62
C ASP B 12 -14.10 2.57 9.24
N SER B 13 -15.40 2.25 9.38
CA SER B 13 -15.89 0.91 9.09
C SER B 13 -17.35 0.91 8.64
N TRP B 14 -17.81 -0.24 8.09
CA TRP B 14 -19.22 -0.41 7.72
C TRP B 14 -20.07 -0.36 9.00
N SER B 15 -19.60 -0.95 10.12
CA SER B 15 -20.37 -0.96 11.35
CA SER B 15 -20.37 -0.95 11.34
C SER B 15 -20.60 0.45 11.92
N LEU B 16 -19.74 1.42 11.56
CA LEU B 16 -19.88 2.80 11.98
C LEU B 16 -20.62 3.64 10.88
N ALA B 17 -20.62 3.19 9.60
CA ALA B 17 -21.31 3.89 8.52
C ALA B 17 -22.89 3.74 8.60
N VAL B 18 -23.37 2.48 8.75
CA VAL B 18 -24.80 2.19 8.86
C VAL B 18 -25.35 2.75 10.20
N ASP B 19 -26.68 2.90 10.31
CA ASP B 19 -27.34 3.33 11.55
C ASP B 19 -27.18 2.22 12.61
N SER B 20 -27.09 2.57 13.91
CA SER B 20 -26.95 1.57 15.00
C SER B 20 -28.09 0.54 14.98
N SER B 21 -29.34 1.02 14.79
CA SER B 21 -30.53 0.19 14.74
C SER B 21 -30.52 -0.78 13.56
N PHE B 22 -29.81 -0.46 12.47
CA PHE B 22 -29.68 -1.37 11.34
C PHE B 22 -28.63 -2.41 11.67
N LEU B 23 -27.44 -1.97 12.17
CA LEU B 23 -26.31 -2.82 12.58
C LEU B 23 -26.79 -3.91 13.55
N GLN B 24 -27.60 -3.51 14.55
CA GLN B 24 -28.13 -4.38 15.59
C GLN B 24 -28.92 -5.57 15.09
N GLN B 25 -29.44 -5.48 13.89
CA GLN B 25 -30.24 -6.56 13.31
C GLN B 25 -29.42 -7.67 12.66
N HIS B 26 -28.09 -7.47 12.48
CA HIS B 26 -27.25 -8.46 11.81
C HIS B 26 -26.35 -9.31 12.69
N LYS B 27 -25.99 -10.51 12.22
CA LYS B 27 -25.07 -11.37 12.97
C LYS B 27 -23.64 -10.83 12.86
N LYS B 28 -22.80 -11.17 13.85
CA LYS B 28 -21.40 -10.76 13.92
C LYS B 28 -20.65 -11.13 12.64
N GLU B 29 -20.87 -12.35 12.12
CA GLU B 29 -20.22 -12.80 10.91
C GLU B 29 -20.51 -11.90 9.72
N VAL B 30 -21.77 -11.42 9.58
CA VAL B 30 -22.20 -10.50 8.51
C VAL B 30 -21.48 -9.17 8.65
N MET B 31 -21.44 -8.60 9.87
CA MET B 31 -20.73 -7.34 10.14
CA MET B 31 -20.74 -7.35 10.13
C MET B 31 -19.26 -7.44 9.72
N LYS B 32 -18.59 -8.58 10.07
CA LYS B 32 -17.18 -8.78 9.75
C LYS B 32 -16.97 -8.81 8.24
N GLN B 33 -17.85 -9.50 7.52
CA GLN B 33 -17.78 -9.58 6.06
C GLN B 33 -17.96 -8.16 5.45
N GLN B 34 -18.93 -7.42 5.97
CA GLN B 34 -19.29 -6.10 5.45
C GLN B 34 -18.24 -5.03 5.74
N ASP B 35 -17.49 -5.18 6.83
CA ASP B 35 -16.41 -4.26 7.16
C ASP B 35 -15.26 -4.39 6.15
N VAL B 36 -14.92 -5.65 5.77
CA VAL B 36 -13.88 -5.87 4.79
C VAL B 36 -14.35 -5.45 3.40
N ILE B 37 -15.66 -5.69 3.07
CA ILE B 37 -16.19 -5.26 1.78
C ILE B 37 -16.14 -3.73 1.69
N TYR B 38 -16.47 -3.05 2.79
CA TYR B 38 -16.46 -1.59 2.87
C TYR B 38 -15.03 -1.07 2.64
N GLU B 39 -14.03 -1.72 3.27
CA GLU B 39 -12.65 -1.29 3.10
C GLU B 39 -12.17 -1.43 1.66
N LEU B 40 -12.55 -2.52 0.97
CA LEU B 40 -12.16 -2.69 -0.43
C LEU B 40 -12.72 -1.52 -1.29
N ILE B 41 -13.99 -1.13 -1.06
CA ILE B 41 -14.60 -0.08 -1.83
C ILE B 41 -14.04 1.27 -1.45
N GLN B 42 -13.92 1.52 -0.14
CA GLN B 42 -13.36 2.79 0.34
C GLN B 42 -11.92 3.03 -0.22
N THR B 43 -11.07 1.98 -0.26
CA THR B 43 -9.71 2.11 -0.80
C THR B 43 -9.73 2.24 -2.34
N GLU B 44 -10.77 1.70 -3.00
CA GLU B 44 -10.91 1.83 -4.48
C GLU B 44 -11.24 3.28 -4.83
N LEU B 45 -12.13 3.90 -4.04
CA LEU B 45 -12.51 5.31 -4.11
C LEU B 45 -11.24 6.17 -3.96
N HIS B 46 -10.37 5.86 -2.97
CA HIS B 46 -9.08 6.54 -2.75
C HIS B 46 -8.09 6.35 -3.92
N HIS B 47 -8.01 5.13 -4.47
CA HIS B 47 -7.16 4.84 -5.62
C HIS B 47 -7.55 5.70 -6.84
N VAL B 48 -8.86 5.75 -7.19
CA VAL B 48 -9.40 6.53 -8.32
C VAL B 48 -9.09 8.01 -8.10
N ARG B 49 -9.32 8.47 -6.89
CA ARG B 49 -9.01 9.83 -6.49
C ARG B 49 -7.49 10.14 -6.68
N THR B 50 -6.59 9.17 -6.35
CA THR B 50 -5.12 9.31 -6.54
C THR B 50 -4.86 9.54 -8.05
N LEU B 51 -5.52 8.74 -8.91
CA LEU B 51 -5.42 8.87 -10.36
C LEU B 51 -6.01 10.21 -10.90
N LYS B 52 -7.03 10.80 -10.22
CA LYS B 52 -7.59 12.08 -10.63
C LYS B 52 -6.64 13.24 -10.30
N ILE B 53 -5.89 13.13 -9.20
CA ILE B 53 -4.84 14.10 -8.83
C ILE B 53 -3.72 14.04 -9.89
N MET B 54 -3.37 12.82 -10.34
CA MET B 54 -2.34 12.66 -11.36
C MET B 54 -2.79 13.24 -12.71
N THR B 55 -4.02 12.92 -13.19
CA THR B 55 -4.50 13.43 -14.49
C THR B 55 -4.90 14.91 -14.47
N ARG B 56 -5.78 15.31 -13.54
CA ARG B 56 -6.29 16.68 -13.51
C ARG B 56 -5.40 17.69 -12.85
N LEU B 57 -4.89 17.40 -11.63
CA LEU B 57 -4.08 18.36 -10.91
C LEU B 57 -2.65 18.44 -11.47
N PHE B 58 -1.95 17.31 -11.55
CA PHE B 58 -0.56 17.31 -12.01
C PHE B 58 -0.42 17.39 -13.54
N ARG B 59 -0.81 16.35 -14.30
CA ARG B 59 -0.64 16.29 -15.76
C ARG B 59 -1.22 17.50 -16.52
N THR B 60 -2.53 17.76 -16.39
CA THR B 60 -3.17 18.86 -17.11
C THR B 60 -2.61 20.22 -16.66
N GLY B 61 -2.37 20.38 -15.36
CA GLY B 61 -1.79 21.61 -14.83
C GLY B 61 -0.46 21.95 -15.45
N MET B 62 0.41 20.94 -15.67
CA MET B 62 1.70 21.14 -16.32
C MET B 62 1.52 21.50 -17.81
N LEU B 63 0.54 20.88 -18.49
CA LEU B 63 0.26 21.16 -19.90
C LEU B 63 -0.22 22.59 -20.11
N GLU B 64 -1.09 23.08 -19.21
CA GLU B 64 -1.69 24.39 -19.34
C GLU B 64 -0.96 25.58 -18.68
N GLU B 65 0.01 25.31 -17.78
N GLU B 65 -0.21 25.35 -17.60
CA GLU B 65 0.79 26.35 -17.11
CA GLU B 65 0.45 26.45 -16.89
C GLU B 65 2.31 26.29 -17.37
C GLU B 65 1.93 26.53 -17.22
N LEU B 66 2.85 25.12 -17.76
N LEU B 66 2.57 25.38 -17.37
CA LEU B 66 4.31 25.00 -17.96
CA LEU B 66 3.99 25.35 -17.71
C LEU B 66 4.74 24.85 -19.42
C LEU B 66 4.23 25.25 -19.23
N HIS B 67 6.02 25.12 -19.72
N HIS B 67 3.22 24.76 -19.99
CA HIS B 67 6.58 24.98 -21.06
CA HIS B 67 3.26 24.58 -21.44
C HIS B 67 7.54 23.79 -21.08
C HIS B 67 4.39 23.62 -21.87
N LEU B 68 6.99 22.57 -21.05
N LEU B 68 4.72 22.65 -21.01
CA LEU B 68 7.80 21.36 -21.07
CA LEU B 68 5.75 21.66 -21.25
C LEU B 68 7.95 20.83 -22.48
C LEU B 68 5.40 20.75 -22.43
N GLU B 69 9.07 20.15 -22.75
N GLU B 69 6.42 20.20 -23.09
CA GLU B 69 9.33 19.53 -24.05
CA GLU B 69 6.25 19.31 -24.24
C GLU B 69 8.32 18.41 -24.34
C GLU B 69 5.51 18.06 -23.79
N PRO B 70 7.96 18.17 -25.61
N PRO B 70 4.42 17.69 -24.49
CA PRO B 70 7.00 17.09 -25.90
CA PRO B 70 3.63 16.51 -24.08
C PRO B 70 7.50 15.73 -25.44
C PRO B 70 4.41 15.21 -23.83
N GLY B 71 6.62 14.97 -24.77
N GLY B 71 5.51 15.03 -24.53
CA GLY B 71 6.96 13.66 -24.25
CA GLY B 71 6.35 13.85 -24.36
C GLY B 71 7.46 13.64 -22.81
C GLY B 71 7.01 13.76 -22.99
N VAL B 72 7.55 14.82 -22.18
N VAL B 72 7.28 14.92 -22.36
CA VAL B 72 8.00 14.93 -20.80
CA VAL B 72 7.90 14.96 -21.03
C VAL B 72 6.85 14.62 -19.84
C VAL B 72 6.85 14.61 -19.97
N VAL B 73 5.67 15.24 -20.05
CA VAL B 73 4.52 15.00 -19.18
C VAL B 73 4.08 13.53 -19.25
N GLN B 74 4.18 12.91 -20.46
CA GLN B 74 3.85 11.51 -20.65
CA GLN B 74 3.85 11.51 -20.65
C GLN B 74 4.82 10.62 -19.86
N GLY B 75 6.09 11.00 -19.84
CA GLY B 75 7.14 10.30 -19.11
C GLY B 75 6.96 10.35 -17.60
N LEU B 76 6.40 11.47 -17.11
CA LEU B 76 6.15 11.64 -15.68
C LEU B 76 4.92 10.85 -15.27
N PHE B 77 3.88 10.84 -16.13
CA PHE B 77 2.61 10.18 -15.80
C PHE B 77 2.26 9.08 -16.80
N PRO B 78 3.03 7.98 -16.90
CA PRO B 78 2.69 6.96 -17.92
C PRO B 78 1.36 6.28 -17.64
N CYS B 79 0.59 5.90 -18.70
CA CYS B 79 -0.68 5.15 -18.64
C CYS B 79 -1.78 5.71 -17.71
N VAL B 80 -1.69 6.96 -17.25
CA VAL B 80 -2.66 7.53 -16.31
CA VAL B 80 -2.65 7.50 -16.30
C VAL B 80 -4.10 7.56 -16.88
N ASP B 81 -4.25 7.78 -18.20
CA ASP B 81 -5.61 7.79 -18.77
C ASP B 81 -6.19 6.38 -18.82
N GLU B 82 -5.37 5.38 -19.17
CA GLU B 82 -5.86 4.01 -19.23
C GLU B 82 -6.19 3.48 -17.83
N LEU B 83 -5.36 3.81 -16.86
CA LEU B 83 -5.53 3.37 -15.48
C LEU B 83 -6.77 3.99 -14.90
N SER B 84 -6.99 5.30 -15.14
CA SER B 84 -8.19 5.98 -14.65
C SER B 84 -9.45 5.34 -15.21
N ASP B 85 -9.45 4.97 -16.51
CA ASP B 85 -10.60 4.31 -17.12
C ASP B 85 -10.91 2.99 -16.47
N ILE B 86 -9.91 2.13 -16.29
CA ILE B 86 -10.06 0.81 -15.69
C ILE B 86 -10.67 0.92 -14.27
N HIS B 87 -10.07 1.79 -13.43
CA HIS B 87 -10.48 1.88 -12.04
C HIS B 87 -11.77 2.67 -11.84
N THR B 88 -12.05 3.69 -12.69
CA THR B 88 -13.33 4.43 -12.55
C THR B 88 -14.52 3.51 -12.93
N ARG B 89 -14.32 2.63 -13.93
CA ARG B 89 -15.35 1.70 -14.30
C ARG B 89 -15.56 0.67 -13.17
N PHE B 90 -14.48 0.15 -12.58
CA PHE B 90 -14.57 -0.84 -11.49
C PHE B 90 -15.25 -0.21 -10.28
N LEU B 91 -14.87 1.04 -9.94
CA LEU B 91 -15.49 1.78 -8.83
C LEU B 91 -17.00 2.00 -9.15
N SER B 92 -17.34 2.28 -10.42
CA SER B 92 -18.74 2.46 -10.82
CA SER B 92 -18.74 2.46 -10.82
C SER B 92 -19.55 1.20 -10.49
N GLN B 93 -19.01 0.02 -10.87
CA GLN B 93 -19.65 -1.27 -10.62
C GLN B 93 -19.77 -1.60 -9.13
N LEU B 94 -18.76 -1.26 -8.32
CA LEU B 94 -18.79 -1.52 -6.88
C LEU B 94 -19.83 -0.61 -6.23
N LEU B 95 -19.83 0.68 -6.58
CA LEU B 95 -20.75 1.64 -5.99
C LEU B 95 -22.19 1.36 -6.38
N GLU B 96 -22.41 0.90 -7.64
CA GLU B 96 -23.76 0.54 -8.08
C GLU B 96 -24.29 -0.65 -7.25
N ARG B 97 -23.43 -1.65 -6.97
CA ARG B 97 -23.78 -2.83 -6.15
C ARG B 97 -24.22 -2.43 -4.72
N ARG B 98 -23.55 -1.44 -4.12
CA ARG B 98 -23.94 -0.93 -2.81
C ARG B 98 -25.29 -0.18 -2.93
N ARG B 99 -25.43 0.64 -3.99
CA ARG B 99 -26.64 1.41 -4.19
CA ARG B 99 -26.64 1.41 -4.19
C ARG B 99 -27.88 0.52 -4.34
N GLN B 100 -27.80 -0.53 -5.20
CA GLN B 100 -28.89 -1.48 -5.41
C GLN B 100 -29.34 -2.10 -4.08
N ALA B 101 -28.39 -2.34 -3.17
CA ALA B 101 -28.56 -3.00 -1.86
C ALA B 101 -29.12 -2.11 -0.74
N LEU B 102 -29.21 -0.79 -0.99
CA LEU B 102 -29.79 0.12 0.00
C LEU B 102 -31.30 -0.19 0.30
N CYS B 103 -31.65 -0.07 1.59
CA CYS B 103 -33.02 -0.23 2.09
C CYS B 103 -33.79 1.00 1.62
N PRO B 104 -35.08 0.87 1.26
CA PRO B 104 -35.87 2.08 0.92
C PRO B 104 -35.97 3.01 2.12
N GLY B 105 -35.80 4.29 1.86
CA GLY B 105 -35.82 5.30 2.91
C GLY B 105 -34.46 5.52 3.54
N SER B 106 -33.40 4.94 2.95
CA SER B 106 -32.06 5.08 3.50
C SER B 106 -31.01 5.31 2.45
N THR B 107 -30.06 6.22 2.72
CA THR B 107 -28.92 6.39 1.81
C THR B 107 -27.66 5.74 2.38
N ARG B 108 -27.75 5.01 3.52
CA ARG B 108 -26.60 4.44 4.18
C ARG B 108 -26.72 3.00 4.69
N ASN B 109 -27.93 2.45 4.87
CA ASN B 109 -28.08 1.08 5.37
C ASN B 109 -28.13 0.09 4.22
N PHE B 110 -27.17 -0.83 4.12
CA PHE B 110 -27.11 -1.83 3.02
C PHE B 110 -26.30 -3.05 3.47
N VAL B 111 -26.42 -4.17 2.73
CA VAL B 111 -25.64 -5.38 2.96
C VAL B 111 -25.33 -5.93 1.57
N ILE B 112 -24.06 -6.06 1.21
CA ILE B 112 -23.70 -6.63 -0.09
C ILE B 112 -23.44 -8.13 0.10
N HIS B 113 -24.32 -8.96 -0.42
CA HIS B 113 -24.17 -10.40 -0.31
C HIS B 113 -23.47 -11.07 -1.49
N ARG B 114 -23.28 -10.39 -2.65
N ARG B 114 -23.37 -10.38 -2.61
CA ARG B 114 -22.74 -11.07 -3.87
CA ARG B 114 -22.78 -10.93 -3.82
C ARG B 114 -21.55 -10.39 -4.59
C ARG B 114 -21.73 -9.95 -4.32
N LEU B 115 -20.46 -10.15 -3.88
N LEU B 115 -20.47 -10.26 -4.03
CA LEU B 115 -19.29 -9.51 -4.46
CA LEU B 115 -19.30 -9.50 -4.50
C LEU B 115 -18.45 -10.40 -5.42
C LEU B 115 -18.45 -10.40 -5.43
N GLY B 116 -18.43 -11.71 -5.17
CA GLY B 116 -17.68 -12.67 -5.96
C GLY B 116 -17.77 -12.53 -7.48
N ASP B 117 -19.01 -12.51 -8.01
CA ASP B 117 -19.26 -12.42 -9.45
CA ASP B 117 -19.24 -12.42 -9.45
C ASP B 117 -18.68 -11.15 -10.08
N LEU B 118 -18.79 -10.03 -9.40
CA LEU B 118 -18.27 -8.75 -9.86
C LEU B 118 -16.72 -8.87 -9.93
N LEU B 119 -16.09 -9.45 -8.90
CA LEU B 119 -14.65 -9.62 -8.89
C LEU B 119 -14.16 -10.59 -9.99
N ILE B 120 -14.93 -11.68 -10.27
CA ILE B 120 -14.54 -12.61 -11.35
C ILE B 120 -14.60 -11.89 -12.70
N SER B 121 -15.60 -11.02 -12.91
CA SER B 121 -15.73 -10.30 -14.18
CA SER B 121 -15.73 -10.29 -14.17
C SER B 121 -14.59 -9.29 -14.36
N GLN B 122 -14.24 -8.57 -13.30
CA GLN B 122 -13.17 -7.59 -13.37
C GLN B 122 -11.79 -8.24 -13.64
N PHE B 123 -11.54 -9.40 -13.03
CA PHE B 123 -10.25 -10.06 -13.16
C PHE B 123 -10.26 -11.24 -14.13
N SER B 124 -11.12 -11.16 -15.16
CA SER B 124 -11.18 -12.18 -16.23
C SER B 124 -11.54 -11.52 -17.58
N GLY B 125 -11.27 -12.22 -18.68
CA GLY B 125 -11.59 -11.74 -20.03
C GLY B 125 -10.88 -10.47 -20.45
N PRO B 126 -11.45 -9.75 -21.44
CA PRO B 126 -10.82 -8.51 -21.92
C PRO B 126 -10.41 -7.48 -20.87
N SER B 127 -11.18 -7.30 -19.80
CA SER B 127 -10.82 -6.32 -18.77
C SER B 127 -9.57 -6.76 -18.00
N ALA B 128 -9.35 -8.09 -17.83
CA ALA B 128 -8.15 -8.56 -17.15
C ALA B 128 -6.95 -8.33 -18.05
N GLU B 129 -7.09 -8.63 -19.37
CA GLU B 129 -6.00 -8.41 -20.33
C GLU B 129 -5.59 -6.93 -20.37
N GLN B 130 -6.54 -6.02 -20.24
CA GLN B 130 -6.27 -4.59 -20.25
CA GLN B 130 -6.28 -4.59 -20.24
C GLN B 130 -5.51 -4.19 -18.99
N MET B 131 -5.89 -4.73 -17.80
CA MET B 131 -5.21 -4.43 -16.53
C MET B 131 -3.75 -4.94 -16.59
N CYS B 132 -3.55 -6.18 -17.09
CA CYS B 132 -2.24 -6.79 -17.22
C CYS B 132 -1.35 -5.97 -18.13
N LYS B 133 -1.87 -5.60 -19.29
CA LYS B 133 -1.11 -4.84 -20.27
C LYS B 133 -0.75 -3.44 -19.71
N THR B 134 -1.72 -2.77 -19.09
CA THR B 134 -1.53 -1.43 -18.55
C THR B 134 -0.55 -1.39 -17.37
N TYR B 135 -0.62 -2.34 -16.40
CA TYR B 135 0.32 -2.36 -15.25
C TYR B 135 1.71 -2.87 -15.63
N SER B 136 1.83 -3.76 -16.62
CA SER B 136 3.12 -4.22 -17.11
C SER B 136 3.87 -3.02 -17.72
N GLU B 137 3.16 -2.15 -18.44
CA GLU B 137 3.69 -0.94 -19.05
C GLU B 137 3.97 0.10 -17.94
N PHE B 138 2.99 0.37 -17.04
CA PHE B 138 3.19 1.35 -15.95
C PHE B 138 4.38 0.99 -15.03
N CYS B 139 4.37 -0.20 -14.44
CA CYS B 139 5.41 -0.62 -13.52
C CYS B 139 6.80 -0.68 -14.17
N SER B 140 6.87 -0.95 -15.49
CA SER B 140 8.16 -0.92 -16.19
C SER B 140 8.67 0.52 -16.43
N ARG B 141 7.81 1.53 -16.36
CA ARG B 141 8.15 2.94 -16.54
C ARG B 141 8.17 3.71 -15.21
N HIS B 142 8.03 3.02 -14.06
CA HIS B 142 7.96 3.61 -12.73
C HIS B 142 9.27 4.32 -12.32
N SER B 143 10.44 3.66 -12.44
CA SER B 143 11.70 4.28 -12.04
CA SER B 143 11.74 4.24 -12.07
C SER B 143 12.05 5.47 -12.92
N LYS B 144 11.73 5.38 -14.24
CA LYS B 144 11.99 6.46 -15.18
C LYS B 144 11.19 7.69 -14.83
N ALA B 145 9.93 7.50 -14.40
CA ALA B 145 9.08 8.61 -14.01
C ALA B 145 9.64 9.35 -12.77
N LEU B 146 10.14 8.61 -11.76
CA LEU B 146 10.76 9.21 -10.55
C LEU B 146 12.02 10.00 -10.85
N LYS B 147 12.91 9.43 -11.68
CA LYS B 147 14.18 10.08 -12.02
C LYS B 147 13.94 11.36 -12.80
N LEU B 148 12.98 11.33 -13.72
CA LEU B 148 12.57 12.47 -14.55
C LEU B 148 11.95 13.56 -13.67
N TYR B 149 11.12 13.17 -12.68
CA TYR B 149 10.54 14.12 -11.74
C TYR B 149 11.68 14.86 -10.97
N LYS B 150 12.59 14.08 -10.37
CA LYS B 150 13.71 14.61 -9.58
C LYS B 150 14.60 15.53 -10.37
N GLU B 151 14.88 15.16 -11.62
CA GLU B 151 15.69 15.99 -12.50
CA GLU B 151 15.68 15.98 -12.52
C GLU B 151 15.03 17.36 -12.74
N LEU B 152 13.71 17.39 -13.05
CA LEU B 152 12.94 18.61 -13.30
C LEU B 152 12.80 19.52 -12.07
N TYR B 153 12.51 18.94 -10.91
CA TYR B 153 12.35 19.71 -9.68
C TYR B 153 13.66 20.44 -9.31
N ALA B 154 14.80 19.78 -9.54
CA ALA B 154 16.09 20.36 -9.19
C ALA B 154 16.70 21.32 -10.21
N ARG B 155 16.19 21.35 -11.46
CA ARG B 155 16.79 22.19 -12.49
CA ARG B 155 16.77 22.17 -12.53
C ARG B 155 15.84 23.26 -13.04
N ASP B 156 14.51 23.03 -12.97
CA ASP B 156 13.53 24.00 -13.47
C ASP B 156 12.82 24.79 -12.36
N LYS B 157 12.97 26.12 -12.38
CA LYS B 157 12.37 27.03 -11.39
C LYS B 157 10.86 27.04 -11.44
N ARG B 158 10.26 27.19 -12.65
CA ARG B 158 8.81 27.23 -12.77
C ARG B 158 8.18 25.89 -12.43
N PHE B 159 8.89 24.76 -12.68
CA PHE B 159 8.37 23.42 -12.33
C PHE B 159 8.35 23.27 -10.80
N GLN B 160 9.38 23.79 -10.12
CA GLN B 160 9.50 23.73 -8.67
C GLN B 160 8.40 24.60 -8.04
N GLN B 161 8.14 25.80 -8.61
CA GLN B 161 7.10 26.67 -8.10
C GLN B 161 5.72 26.06 -8.31
N PHE B 162 5.51 25.42 -9.48
CA PHE B 162 4.28 24.71 -9.78
C PHE B 162 4.03 23.60 -8.75
N ILE B 163 5.02 22.72 -8.52
CA ILE B 163 4.87 21.59 -7.58
C ILE B 163 4.56 22.09 -6.18
N ARG B 164 5.31 23.08 -5.73
CA ARG B 164 5.14 23.64 -4.38
C ARG B 164 3.78 24.29 -4.22
N LYS B 165 3.29 24.95 -5.27
CA LYS B 165 1.96 25.55 -5.28
C LYS B 165 0.82 24.50 -5.21
N VAL B 166 0.80 23.53 -6.15
CA VAL B 166 -0.29 22.55 -6.20
C VAL B 166 -0.25 21.51 -5.09
N THR B 167 0.90 21.31 -4.41
CA THR B 167 0.99 20.35 -3.32
C THR B 167 0.93 20.99 -1.93
N ARG B 168 0.82 22.34 -1.83
CA ARG B 168 0.74 23.04 -0.55
C ARG B 168 -0.49 22.71 0.35
N PRO B 169 -1.73 22.57 -0.16
CA PRO B 169 -2.87 22.30 0.74
C PRO B 169 -2.72 20.98 1.51
N ALA B 170 -3.18 20.98 2.77
CA ALA B 170 -3.11 19.83 3.67
C ALA B 170 -3.67 18.53 3.11
N VAL B 171 -4.79 18.58 2.36
CA VAL B 171 -5.38 17.35 1.80
C VAL B 171 -4.48 16.67 0.77
N LEU B 172 -3.40 17.34 0.31
CA LEU B 172 -2.41 16.76 -0.60
C LEU B 172 -1.13 16.29 0.14
N LYS B 173 -1.13 16.26 1.50
CA LYS B 173 0.05 15.91 2.28
C LYS B 173 0.73 14.62 1.83
N ARG B 174 -0.04 13.56 1.59
CA ARG B 174 0.55 12.28 1.17
C ARG B 174 0.38 12.02 -0.31
N HIS B 175 0.20 13.07 -1.14
CA HIS B 175 -0.04 12.88 -2.56
C HIS B 175 0.84 13.73 -3.50
N GLY B 176 2.16 13.67 -3.30
CA GLY B 176 3.08 14.29 -4.23
C GLY B 176 3.25 13.39 -5.45
N VAL B 177 3.96 13.87 -6.51
CA VAL B 177 4.14 13.10 -7.76
C VAL B 177 4.65 11.68 -7.51
N GLN B 178 5.76 11.54 -6.79
CA GLN B 178 6.39 10.24 -6.50
C GLN B 178 5.55 9.36 -5.61
N GLU B 179 4.78 9.98 -4.69
CA GLU B 179 3.91 9.27 -3.76
C GLU B 179 2.73 8.68 -4.54
N CYS B 180 2.17 9.45 -5.51
CA CYS B 180 1.06 8.96 -6.36
C CYS B 180 1.54 7.75 -7.16
N ILE B 181 2.79 7.84 -7.70
CA ILE B 181 3.35 6.76 -8.51
C ILE B 181 3.47 5.48 -7.71
N LEU B 182 4.01 5.55 -6.49
CA LEU B 182 4.12 4.34 -5.66
C LEU B 182 2.74 3.86 -5.18
N LEU B 183 1.83 4.78 -4.85
CA LEU B 183 0.44 4.41 -4.50
C LEU B 183 -0.22 3.54 -5.58
N VAL B 184 -0.02 3.93 -6.84
CA VAL B 184 -0.61 3.19 -7.96
C VAL B 184 0.01 1.82 -8.12
N THR B 185 1.39 1.70 -8.07
CA THR B 185 2.13 0.44 -8.19
C THR B 185 1.75 -0.54 -7.08
N GLN B 186 1.58 -0.03 -5.85
CA GLN B 186 1.20 -0.88 -4.73
C GLN B 186 -0.26 -1.32 -4.74
N ARG B 187 -1.15 -0.61 -5.48
CA ARG B 187 -2.58 -0.95 -5.49
C ARG B 187 -2.91 -2.42 -5.84
N ILE B 188 -2.38 -2.92 -6.95
CA ILE B 188 -2.70 -4.26 -7.40
C ILE B 188 -2.38 -5.35 -6.37
N THR B 189 -1.28 -5.21 -5.63
CA THR B 189 -0.90 -6.22 -4.64
C THR B 189 -1.77 -6.13 -3.34
N LYS B 190 -2.59 -5.06 -3.20
CA LYS B 190 -3.52 -4.96 -2.08
C LYS B 190 -4.72 -5.89 -2.28
N TYR B 191 -5.12 -6.20 -3.54
CA TYR B 191 -6.35 -6.97 -3.85
C TYR B 191 -6.42 -8.38 -3.23
N PRO B 192 -5.36 -9.24 -3.29
CA PRO B 192 -5.49 -10.58 -2.70
C PRO B 192 -5.64 -10.54 -1.18
N LEU B 193 -5.08 -9.52 -0.52
CA LEU B 193 -5.17 -9.39 0.94
CA LEU B 193 -5.18 -9.43 0.94
C LEU B 193 -6.61 -9.07 1.34
N LEU B 194 -7.25 -8.15 0.60
CA LEU B 194 -8.64 -7.76 0.88
C LEU B 194 -9.63 -8.90 0.53
N ILE B 195 -9.44 -9.52 -0.64
CA ILE B 195 -10.30 -10.62 -1.08
C ILE B 195 -10.20 -11.83 -0.16
N SER B 196 -8.99 -12.19 0.32
CA SER B 196 -8.84 -13.34 1.23
CA SER B 196 -8.84 -13.34 1.23
C SER B 196 -9.56 -13.13 2.57
N ARG B 197 -9.53 -11.88 3.09
CA ARG B 197 -10.21 -11.59 4.36
C ARG B 197 -11.75 -11.56 4.15
N ILE B 198 -12.21 -11.12 2.95
CA ILE B 198 -13.65 -11.14 2.61
C ILE B 198 -14.06 -12.63 2.55
N LEU B 199 -13.28 -13.46 1.86
CA LEU B 199 -13.55 -14.90 1.74
C LEU B 199 -13.62 -15.59 3.11
N GLN B 200 -12.77 -15.18 4.03
CA GLN B 200 -12.75 -15.70 5.38
C GLN B 200 -14.12 -15.53 6.11
N HIS B 201 -14.91 -14.51 5.71
CA HIS B 201 -16.22 -14.28 6.32
C HIS B 201 -17.40 -14.46 5.33
N SER B 202 -17.22 -15.31 4.34
CA SER B 202 -18.22 -15.55 3.32
C SER B 202 -18.46 -17.04 3.12
N HIS B 203 -18.48 -17.79 4.22
CA HIS B 203 -18.73 -19.23 4.15
C HIS B 203 -20.22 -19.61 4.24
N GLY B 204 -21.06 -18.68 4.67
CA GLY B 204 -22.50 -18.89 4.83
C GLY B 204 -23.22 -19.32 3.56
N ILE B 205 -22.87 -18.72 2.41
CA ILE B 205 -23.47 -19.11 1.15
CA ILE B 205 -23.47 -19.10 1.14
C ILE B 205 -22.39 -19.77 0.31
N GLU B 206 -22.49 -21.10 0.10
CA GLU B 206 -21.50 -21.86 -0.66
C GLU B 206 -21.17 -21.26 -2.03
N GLU B 207 -22.17 -20.77 -2.79
CA GLU B 207 -21.93 -20.15 -4.08
C GLU B 207 -21.03 -18.90 -3.94
N GLU B 208 -21.17 -18.16 -2.82
CA GLU B 208 -20.36 -16.95 -2.62
C GLU B 208 -18.91 -17.31 -2.28
N ARG B 209 -18.72 -18.31 -1.40
CA ARG B 209 -17.38 -18.77 -1.06
C ARG B 209 -16.66 -19.29 -2.32
N GLN B 210 -17.39 -19.97 -3.20
CA GLN B 210 -16.79 -20.47 -4.44
C GLN B 210 -16.37 -19.34 -5.38
N ASP B 211 -17.24 -18.33 -5.58
CA ASP B 211 -16.95 -17.20 -6.48
C ASP B 211 -15.77 -16.36 -5.99
N LEU B 212 -15.68 -16.17 -4.67
CA LEU B 212 -14.57 -15.43 -4.07
C LEU B 212 -13.27 -16.23 -4.22
N THR B 213 -13.34 -17.57 -4.08
CA THR B 213 -12.17 -18.43 -4.28
C THR B 213 -11.68 -18.30 -5.73
N THR B 214 -12.61 -18.31 -6.71
CA THR B 214 -12.28 -18.16 -8.12
C THR B 214 -11.63 -16.78 -8.37
N ALA B 215 -12.23 -15.73 -7.79
CA ALA B 215 -11.73 -14.37 -7.95
C ALA B 215 -10.33 -14.23 -7.41
N LEU B 216 -10.03 -14.86 -6.25
CA LEU B 216 -8.70 -14.83 -5.64
C LEU B 216 -7.64 -15.45 -6.58
N GLY B 217 -7.93 -16.62 -7.15
CA GLY B 217 -7.06 -17.26 -8.11
C GLY B 217 -6.84 -16.42 -9.36
N LEU B 218 -7.89 -15.73 -9.83
CA LEU B 218 -7.76 -14.84 -10.98
C LEU B 218 -6.84 -13.64 -10.67
N VAL B 219 -6.99 -13.02 -9.49
CA VAL B 219 -6.16 -11.87 -9.11
C VAL B 219 -4.66 -12.28 -9.05
N LYS B 220 -4.39 -13.44 -8.42
CA LYS B 220 -3.03 -13.94 -8.28
C LYS B 220 -2.37 -14.22 -9.64
N GLU B 221 -3.14 -14.75 -10.60
CA GLU B 221 -2.62 -15.01 -11.95
CA GLU B 221 -2.64 -15.02 -11.96
C GLU B 221 -2.31 -13.70 -12.66
N LEU B 222 -3.17 -12.67 -12.48
CA LEU B 222 -2.93 -11.35 -13.06
C LEU B 222 -1.62 -10.78 -12.49
N LEU B 223 -1.46 -10.83 -11.17
CA LEU B 223 -0.27 -10.34 -10.49
C LEU B 223 1.00 -11.07 -10.96
N SER B 224 0.96 -12.42 -11.03
CA SER B 224 2.11 -13.18 -11.47
CA SER B 224 2.08 -13.22 -11.48
C SER B 224 2.49 -12.84 -12.91
N ASN B 225 1.50 -12.56 -13.76
CA ASN B 225 1.69 -12.15 -15.16
C ASN B 225 2.30 -10.75 -15.23
N VAL B 226 1.80 -9.77 -14.45
CA VAL B 226 2.35 -8.41 -14.44
C VAL B 226 3.83 -8.46 -13.98
N ASP B 227 4.08 -9.19 -12.88
CA ASP B 227 5.40 -9.34 -12.30
C ASP B 227 6.41 -9.93 -13.31
N GLU B 228 5.96 -10.88 -14.16
CA GLU B 228 6.83 -11.46 -15.20
C GLU B 228 7.00 -10.56 -16.44
N GLY B 229 6.20 -9.52 -16.56
CA GLY B 229 6.26 -8.62 -17.70
C GLY B 229 7.03 -7.35 -17.45
N ILE B 230 7.61 -7.20 -16.25
CA ILE B 230 8.35 -6.00 -15.86
C ILE B 230 9.86 -6.05 -16.17
N TYR B 231 10.37 -4.95 -16.74
CA TYR B 231 11.77 -4.67 -17.00
C TYR B 231 11.90 -3.15 -16.94
N GLN B 232 12.62 -2.59 -15.93
CA GLN B 232 12.73 -1.13 -15.79
C GLN B 232 13.36 -0.43 -16.97
N LEU B 233 12.61 0.51 -17.55
CA LEU B 233 13.14 1.33 -18.63
C LEU B 233 14.06 2.38 -18.00
N GLU B 234 15.05 2.86 -18.75
CA GLU B 234 15.99 3.86 -18.23
C GLU B 234 16.32 4.91 -19.28
N LYS B 235 16.14 6.20 -18.95
CA LYS B 235 16.42 7.31 -19.87
C LYS B 235 17.87 7.24 -20.42
N GLY B 236 17.97 7.15 -21.74
CA GLY B 236 19.26 7.05 -22.42
C GLY B 236 19.97 5.74 -22.18
N ALA B 237 19.22 4.62 -22.23
CA ALA B 237 19.85 3.30 -22.03
C ALA B 237 20.47 2.83 -23.33
N ARG B 238 21.50 2.00 -23.22
CA ARG B 238 22.14 1.49 -24.42
C ARG B 238 21.65 0.08 -24.72
N LEU B 239 21.58 -0.25 -26.01
CA LEU B 239 21.14 -1.57 -26.44
CA LEU B 239 21.13 -1.57 -26.43
C LEU B 239 21.95 -2.70 -25.81
N GLN B 240 23.29 -2.50 -25.71
CA GLN B 240 24.21 -3.47 -25.12
C GLN B 240 23.83 -3.79 -23.67
N GLU B 241 23.55 -2.76 -22.84
CA GLU B 241 23.12 -2.97 -21.45
C GLU B 241 21.79 -3.72 -21.39
N ILE B 242 20.91 -3.54 -22.40
CA ILE B 242 19.64 -4.24 -22.44
C ILE B 242 19.81 -5.71 -22.83
N TYR B 243 20.50 -6.04 -23.95
CA TYR B 243 20.64 -7.45 -24.33
C TYR B 243 21.62 -8.25 -23.46
N ASN B 244 22.38 -7.57 -22.57
CA ASN B 244 23.25 -8.30 -21.63
C ASN B 244 22.59 -8.44 -20.24
N ARG B 245 21.28 -8.09 -20.11
CA ARG B 245 20.50 -8.17 -18.86
C ARG B 245 20.54 -9.59 -18.27
#